data_6X7U
#
_entry.id   6X7U
#
_cell.length_a   64.721
_cell.length_b   64.721
_cell.length_c   77.751
_cell.angle_alpha   90.000
_cell.angle_beta   90.000
_cell.angle_gamma   120.000
#
_symmetry.space_group_name_H-M   'P 32'
#
loop_
_entity.id
_entity.type
_entity.pdbx_description
1 polymer 'U8 snoRNA-decapping enzyme'
2 non-polymer 'FLAVIN-ADENINE DINUCLEOTIDE'
3 non-polymer 'MANGANESE (II) ION'
4 non-polymer 'ADENOSINE MONOPHOSPHATE'
5 water water
#
_entity_poly.entity_id   1
_entity_poly.type   'polypeptide(L)'
_entity_poly.pdbx_seq_one_letter_code
;MAGARRLELGEALALGSGWRHACHALLYAPDPGMLFGRIPLRYAILMQMRFDGRLGFPGGFVDTQDRSLEDGLNRELREE
LGEAAAAFRVERTDYRSSHVGSGPRVVAHFYAKRLTLEELLAVEAGATRAKDHGLEVLGLVRVPLYTLRDGVGGLPTFLE
NSFIGSAREQLLEALQDLGLLQSG
;
_entity_poly.pdbx_strand_id   A,C
#
# COMPACT_ATOMS: atom_id res chain seq x y z
N TRP A 19 4.60 17.96 -26.29
CA TRP A 19 4.70 18.70 -25.00
C TRP A 19 5.13 17.74 -23.88
N ARG A 20 4.22 17.44 -22.94
CA ARG A 20 4.48 16.50 -21.81
C ARG A 20 3.34 15.48 -21.70
N HIS A 21 3.57 14.28 -22.24
CA HIS A 21 2.72 13.08 -22.12
C HIS A 21 3.13 12.32 -20.86
N ALA A 22 2.16 11.75 -20.14
CA ALA A 22 2.40 10.81 -19.01
C ALA A 22 1.69 9.50 -19.32
N CYS A 23 2.32 8.36 -19.02
CA CYS A 23 1.78 6.99 -19.15
C CYS A 23 1.81 6.27 -17.81
N HIS A 24 0.70 5.63 -17.41
CA HIS A 24 0.60 4.76 -16.20
C HIS A 24 -0.09 3.46 -16.61
N ALA A 25 0.23 2.35 -15.94
CA ALA A 25 -0.29 1.00 -16.23
C ALA A 25 -1.06 0.44 -15.04
N LEU A 26 -2.24 -0.11 -15.30
CA LEU A 26 -2.86 -1.18 -14.47
C LEU A 26 -2.21 -2.51 -14.88
N LEU A 27 -1.66 -3.24 -13.91
CA LEU A 27 -1.11 -4.61 -14.08
C LEU A 27 -2.08 -5.55 -13.35
N TYR A 28 -2.71 -6.48 -14.06
CA TYR A 28 -3.78 -7.34 -13.50
C TYR A 28 -3.52 -8.80 -13.91
N ALA A 29 -3.71 -9.69 -12.93
CA ALA A 29 -3.57 -11.14 -13.06
C ALA A 29 -4.79 -11.77 -12.41
N PRO A 30 -5.41 -12.78 -13.06
CA PRO A 30 -6.61 -13.40 -12.53
C PRO A 30 -6.24 -14.28 -11.33
N ASP A 31 -7.02 -14.24 -10.26
CA ASP A 31 -6.77 -14.99 -9.00
C ASP A 31 -7.94 -15.92 -8.71
N PRO A 32 -7.73 -17.26 -8.62
CA PRO A 32 -8.76 -18.20 -8.17
C PRO A 32 -8.91 -18.27 -6.65
N GLY A 33 -8.00 -17.64 -5.90
CA GLY A 33 -8.03 -17.51 -4.44
C GLY A 33 -9.36 -16.96 -3.93
N MET A 34 -9.69 -17.26 -2.68
CA MET A 34 -10.98 -16.92 -2.01
C MET A 34 -10.64 -16.28 -0.65
N LEU A 35 -10.86 -14.98 -0.51
CA LEU A 35 -10.74 -14.31 0.81
C LEU A 35 -11.74 -14.96 1.77
N PHE A 36 -11.28 -15.32 2.97
CA PHE A 36 -12.04 -16.02 4.05
C PHE A 36 -12.45 -17.42 3.58
N GLY A 37 -11.92 -17.87 2.43
CA GLY A 37 -12.24 -19.18 1.83
C GLY A 37 -13.63 -19.25 1.20
N ARG A 38 -14.32 -18.12 0.98
CA ARG A 38 -15.67 -18.09 0.34
C ARG A 38 -15.86 -16.85 -0.54
N ILE A 39 -15.23 -15.73 -0.22
CA ILE A 39 -15.32 -14.44 -0.98
C ILE A 39 -14.28 -14.49 -2.09
N PRO A 40 -14.66 -14.65 -3.39
CA PRO A 40 -13.68 -14.85 -4.47
C PRO A 40 -12.99 -13.55 -4.88
N LEU A 41 -11.67 -13.59 -5.05
CA LEU A 41 -10.79 -12.42 -5.33
C LEU A 41 -10.97 -11.98 -6.80
N ARG A 42 -10.99 -12.95 -7.75
CA ARG A 42 -11.30 -12.75 -9.20
C ARG A 42 -10.06 -12.30 -9.97
N TYR A 43 -9.41 -11.20 -9.55
CA TYR A 43 -8.12 -10.70 -10.10
C TYR A 43 -7.28 -10.05 -9.00
N ALA A 44 -5.95 -10.20 -9.10
CA ALA A 44 -4.96 -9.29 -8.49
C ALA A 44 -4.76 -8.06 -9.40
N ILE A 45 -4.97 -6.87 -8.83
CA ILE A 45 -4.76 -5.56 -9.52
C ILE A 45 -3.87 -4.68 -8.65
N LEU A 46 -2.81 -4.10 -9.24
CA LEU A 46 -1.78 -3.33 -8.47
C LEU A 46 -2.03 -1.87 -8.70
N MET A 47 -2.33 -1.16 -7.59
CA MET A 47 -2.15 0.30 -7.45
C MET A 47 -1.03 0.55 -6.43
N GLN A 48 -0.45 1.76 -6.43
CA GLN A 48 0.68 2.15 -5.55
C GLN A 48 0.25 3.34 -4.66
N MET A 49 0.80 3.41 -3.43
CA MET A 49 0.74 4.60 -2.53
C MET A 49 1.92 5.52 -2.88
N ARG A 50 1.61 6.64 -3.52
CA ARG A 50 2.60 7.62 -4.02
C ARG A 50 3.20 8.40 -2.84
N PHE A 51 4.08 9.36 -3.14
CA PHE A 51 4.81 10.23 -2.19
C PHE A 51 3.93 11.42 -1.74
N ASP A 52 2.76 11.63 -2.34
CA ASP A 52 1.85 12.71 -1.89
C ASP A 52 0.74 12.11 -1.00
N GLY A 53 0.76 10.80 -0.78
CA GLY A 53 -0.20 10.13 0.12
C GLY A 53 -1.49 9.81 -0.60
N ARG A 54 -1.49 9.95 -1.93
CA ARG A 54 -2.61 9.58 -2.83
C ARG A 54 -2.25 8.26 -3.52
N LEU A 55 -3.23 7.37 -3.65
CA LEU A 55 -3.15 6.11 -4.44
C LEU A 55 -3.07 6.46 -5.92
N GLY A 56 -2.44 5.60 -6.70
CA GLY A 56 -2.40 5.68 -8.17
C GLY A 56 -1.76 4.43 -8.74
N PHE A 57 -1.33 4.52 -10.01
CA PHE A 57 -0.81 3.40 -10.81
C PHE A 57 0.69 3.61 -11.02
N PRO A 58 1.43 2.54 -11.35
CA PRO A 58 2.84 2.67 -11.75
C PRO A 58 3.00 3.51 -13.02
N GLY A 59 4.06 4.33 -13.08
CA GLY A 59 4.46 5.03 -14.30
C GLY A 59 4.80 6.48 -14.04
N GLY A 60 4.64 7.32 -15.05
CA GLY A 60 4.78 8.78 -14.93
C GLY A 60 5.30 9.40 -16.20
N PHE A 61 6.04 10.50 -16.11
CA PHE A 61 6.33 11.37 -17.28
C PHE A 61 7.11 10.57 -18.33
N VAL A 62 6.74 10.79 -19.60
CA VAL A 62 7.56 10.40 -20.79
C VAL A 62 8.53 11.55 -21.04
N ASP A 63 9.81 11.32 -20.74
CA ASP A 63 10.86 12.38 -20.85
C ASP A 63 11.30 12.46 -22.31
N THR A 64 12.22 13.37 -22.59
CA THR A 64 12.51 13.90 -23.94
C THR A 64 13.21 12.83 -24.80
N GLN A 65 14.13 12.04 -24.24
CA GLN A 65 14.94 11.04 -24.99
C GLN A 65 14.32 9.63 -24.89
N ASP A 66 13.00 9.54 -24.68
CA ASP A 66 12.21 8.28 -24.80
C ASP A 66 11.80 8.15 -26.27
N ARG A 67 11.83 6.92 -26.81
CA ARG A 67 11.65 6.61 -28.26
C ARG A 67 10.15 6.50 -28.59
N SER A 68 9.32 6.09 -27.62
CA SER A 68 7.85 5.94 -27.80
C SER A 68 7.12 6.00 -26.44
N LEU A 69 5.92 6.58 -26.44
CA LEU A 69 4.91 6.45 -25.36
C LEU A 69 5.18 5.19 -24.53
N GLU A 70 5.26 4.03 -25.19
CA GLU A 70 5.35 2.69 -24.54
C GLU A 70 6.78 2.43 -24.08
N ASP A 71 7.78 2.87 -24.85
CA ASP A 71 9.21 2.80 -24.45
C ASP A 71 9.30 3.44 -23.05
N GLY A 72 8.79 4.68 -22.91
CA GLY A 72 8.87 5.51 -21.68
C GLY A 72 8.13 4.91 -20.49
N LEU A 73 6.98 4.28 -20.73
CA LEU A 73 6.20 3.58 -19.67
C LEU A 73 7.02 2.46 -19.05
N ASN A 74 7.48 1.52 -19.86
CA ASN A 74 8.24 0.34 -19.35
C ASN A 74 9.46 0.87 -18.57
N ARG A 75 9.96 2.06 -18.95
CA ARG A 75 11.08 2.74 -18.27
C ARG A 75 10.65 3.05 -16.84
N GLU A 76 9.47 3.66 -16.68
CA GLU A 76 8.96 4.11 -15.36
C GLU A 76 8.55 2.89 -14.52
N LEU A 77 8.05 1.83 -15.13
CA LEU A 77 7.62 0.63 -14.38
C LEU A 77 8.86 0.05 -13.67
N ARG A 78 9.93 -0.18 -14.42
CA ARG A 78 11.25 -0.62 -13.92
C ARG A 78 11.64 0.21 -12.68
N GLU A 79 11.65 1.54 -12.81
CA GLU A 79 12.07 2.51 -11.75
C GLU A 79 11.20 2.35 -10.49
N GLU A 80 9.87 2.23 -10.65
CA GLU A 80 8.86 2.28 -9.54
C GLU A 80 8.58 0.88 -8.96
N LEU A 81 8.73 -0.16 -9.78
CA LEU A 81 8.33 -1.57 -9.49
C LEU A 81 9.54 -2.50 -9.35
N GLY A 82 10.60 -2.29 -10.14
CA GLY A 82 11.89 -3.00 -9.99
C GLY A 82 12.21 -3.89 -11.20
N GLU A 83 13.31 -4.66 -11.09
CA GLU A 83 13.85 -5.50 -12.20
C GLU A 83 12.75 -6.45 -12.71
N ALA A 84 11.84 -6.92 -11.84
CA ALA A 84 10.77 -7.89 -12.16
C ALA A 84 9.73 -7.32 -13.15
N ALA A 85 9.55 -5.99 -13.20
CA ALA A 85 8.63 -5.30 -14.14
C ALA A 85 9.12 -5.48 -15.57
N ALA A 86 10.39 -5.90 -15.76
CA ALA A 86 11.08 -6.01 -17.06
C ALA A 86 10.81 -7.36 -17.72
N ALA A 87 10.21 -8.31 -16.99
CA ALA A 87 9.89 -9.70 -17.40
C ALA A 87 8.54 -9.72 -18.11
N PHE A 88 8.04 -8.54 -18.46
CA PHE A 88 6.98 -8.32 -19.48
C PHE A 88 7.19 -6.92 -20.04
N ARG A 89 6.43 -6.56 -21.08
CA ARG A 89 6.40 -5.18 -21.62
C ARG A 89 4.95 -4.83 -22.00
N VAL A 90 4.54 -3.63 -21.61
CA VAL A 90 3.26 -3.03 -22.06
C VAL A 90 3.51 -2.63 -23.51
N GLU A 91 2.65 -3.07 -24.43
CA GLU A 91 2.73 -2.79 -25.90
C GLU A 91 1.68 -1.71 -26.23
N ARG A 92 1.67 -1.21 -27.47
CA ARG A 92 0.66 -0.21 -27.92
C ARG A 92 -0.74 -0.76 -27.65
N THR A 93 -0.88 -2.09 -27.79
CA THR A 93 -2.15 -2.85 -27.77
C THR A 93 -2.78 -2.89 -26.37
N ASP A 94 -2.02 -2.56 -25.32
CA ASP A 94 -2.51 -2.61 -23.91
C ASP A 94 -3.21 -1.30 -23.60
N TYR A 95 -3.09 -0.31 -24.49
CA TYR A 95 -3.69 1.03 -24.38
C TYR A 95 -5.20 0.97 -24.09
N ARG A 96 -5.67 1.86 -23.21
CA ARG A 96 -7.09 2.02 -22.80
C ARG A 96 -7.58 3.44 -23.13
N SER A 97 -7.00 4.48 -22.55
CA SER A 97 -7.58 5.86 -22.57
C SER A 97 -6.48 6.91 -22.53
N SER A 98 -6.86 8.16 -22.84
CA SER A 98 -6.04 9.39 -22.63
C SER A 98 -6.95 10.50 -22.09
N HIS A 99 -6.73 10.94 -20.86
CA HIS A 99 -7.40 12.14 -20.28
C HIS A 99 -6.41 13.32 -20.30
N VAL A 100 -6.78 14.41 -20.96
CA VAL A 100 -6.02 15.69 -20.97
C VAL A 100 -6.18 16.37 -19.61
N GLY A 101 -5.12 16.45 -18.81
CA GLY A 101 -5.05 17.42 -17.70
C GLY A 101 -4.89 18.82 -18.26
N SER A 102 -5.96 19.63 -18.27
CA SER A 102 -5.92 20.99 -18.86
C SER A 102 -5.03 21.93 -18.01
N GLY A 103 -5.42 22.13 -16.74
CA GLY A 103 -4.73 23.04 -15.80
C GLY A 103 -3.22 22.84 -15.79
N PRO A 104 -2.73 21.66 -15.34
CA PRO A 104 -1.31 21.32 -15.49
C PRO A 104 -1.16 20.73 -16.89
N ARG A 105 -0.87 21.56 -17.89
CA ARG A 105 -0.98 21.19 -19.34
C ARG A 105 -0.28 19.84 -19.57
N VAL A 106 -0.98 18.72 -19.34
CA VAL A 106 -0.41 17.34 -19.51
C VAL A 106 -1.53 16.39 -19.96
N VAL A 107 -1.28 15.68 -21.07
CA VAL A 107 -2.14 14.56 -21.57
C VAL A 107 -1.65 13.26 -20.94
N ALA A 108 -2.54 12.51 -20.33
CA ALA A 108 -2.24 11.38 -19.42
C ALA A 108 -2.85 10.12 -20.02
N HIS A 109 -2.00 9.16 -20.39
CA HIS A 109 -2.36 7.96 -21.17
C HIS A 109 -2.38 6.76 -20.23
N PHE A 110 -3.31 5.83 -20.45
CA PHE A 110 -3.51 4.65 -19.59
C PHE A 110 -3.49 3.39 -20.44
N TYR A 111 -3.02 2.30 -19.82
CA TYR A 111 -2.75 0.96 -20.38
C TYR A 111 -3.13 -0.08 -19.33
N ALA A 112 -3.65 -1.24 -19.74
CA ALA A 112 -3.95 -2.36 -18.83
C ALA A 112 -3.29 -3.64 -19.37
N LYS A 113 -2.40 -4.25 -18.57
CA LYS A 113 -1.54 -5.40 -18.95
C LYS A 113 -2.04 -6.64 -18.19
N ARG A 114 -2.47 -7.70 -18.91
CA ARG A 114 -2.84 -9.01 -18.31
C ARG A 114 -1.56 -9.79 -18.02
N LEU A 115 -1.39 -10.24 -16.77
CA LEU A 115 -0.22 -11.05 -16.34
C LEU A 115 -0.73 -12.38 -15.80
N THR A 116 0.17 -13.34 -15.62
CA THR A 116 -0.04 -14.51 -14.75
C THR A 116 -0.02 -13.98 -13.32
N LEU A 117 -0.61 -14.71 -12.38
CA LEU A 117 -0.52 -14.38 -10.96
C LEU A 117 0.93 -14.60 -10.50
N GLU A 118 1.68 -15.43 -11.21
CA GLU A 118 3.11 -15.70 -10.89
C GLU A 118 3.90 -14.44 -11.27
N GLU A 119 3.64 -13.92 -12.47
CA GLU A 119 4.25 -12.67 -12.99
C GLU A 119 3.97 -11.52 -12.02
N LEU A 120 2.70 -11.34 -11.61
CA LEU A 120 2.24 -10.19 -10.76
C LEU A 120 2.85 -10.30 -9.36
N LEU A 121 2.97 -11.53 -8.83
CA LEU A 121 3.61 -11.77 -7.51
C LEU A 121 5.10 -11.44 -7.58
N ALA A 122 5.76 -11.69 -8.71
CA ALA A 122 7.22 -11.45 -8.88
C ALA A 122 7.49 -9.95 -8.84
N VAL A 123 6.53 -9.14 -9.30
CA VAL A 123 6.59 -7.64 -9.23
C VAL A 123 6.54 -7.22 -7.76
N GLU A 124 5.60 -7.76 -6.97
CA GLU A 124 5.36 -7.33 -5.56
C GLU A 124 6.57 -7.70 -4.69
N ALA A 125 7.11 -8.90 -4.91
CA ALA A 125 8.26 -9.44 -4.15
C ALA A 125 9.52 -8.62 -4.47
N GLY A 126 9.64 -8.11 -5.69
CA GLY A 126 10.83 -7.34 -6.16
C GLY A 126 10.72 -5.85 -5.91
N ALA A 127 9.54 -5.34 -5.54
CA ALA A 127 9.19 -3.89 -5.59
C ALA A 127 9.91 -3.11 -4.49
N THR A 128 10.42 -3.81 -3.47
CA THR A 128 11.15 -3.24 -2.31
C THR A 128 12.62 -2.99 -2.67
N ARG A 129 13.09 -3.50 -3.82
CA ARG A 129 14.43 -3.24 -4.40
C ARG A 129 14.34 -2.22 -5.55
N ALA A 130 13.12 -1.78 -5.91
CA ALA A 130 12.85 -0.74 -6.93
C ALA A 130 13.71 0.49 -6.65
N LYS A 131 14.25 1.11 -7.69
CA LYS A 131 14.93 2.43 -7.56
C LYS A 131 14.07 3.30 -6.62
N ASP A 132 12.79 3.54 -6.95
CA ASP A 132 11.92 4.55 -6.27
C ASP A 132 11.21 4.00 -5.03
N HIS A 133 11.51 2.79 -4.56
CA HIS A 133 10.88 2.28 -3.33
C HIS A 133 11.22 3.22 -2.19
N GLY A 134 10.23 3.64 -1.40
CA GLY A 134 10.44 4.41 -0.16
C GLY A 134 10.74 5.88 -0.41
N LEU A 135 10.75 6.30 -1.68
CA LEU A 135 10.75 7.74 -2.07
C LEU A 135 9.41 8.06 -2.77
N GLU A 136 9.31 7.90 -4.10
CA GLU A 136 8.08 8.25 -4.89
C GLU A 136 7.00 7.20 -4.58
N VAL A 137 7.45 5.98 -4.32
CA VAL A 137 6.61 4.76 -4.19
C VAL A 137 6.75 4.28 -2.74
N LEU A 138 5.72 4.53 -1.91
CA LEU A 138 5.68 4.14 -0.48
C LEU A 138 5.24 2.66 -0.32
N GLY A 139 4.70 2.03 -1.36
CA GLY A 139 4.29 0.61 -1.29
C GLY A 139 3.27 0.26 -2.37
N LEU A 140 3.04 -1.03 -2.57
CA LEU A 140 2.05 -1.51 -3.58
C LEU A 140 0.83 -2.07 -2.86
N VAL A 141 -0.35 -1.79 -3.38
CA VAL A 141 -1.60 -2.32 -2.81
C VAL A 141 -2.36 -2.97 -3.96
N ARG A 142 -2.91 -4.15 -3.68
CA ARG A 142 -3.93 -4.82 -4.50
C ARG A 142 -5.27 -4.08 -4.30
N VAL A 143 -6.15 -4.16 -5.29
CA VAL A 143 -7.50 -3.55 -5.24
C VAL A 143 -8.53 -4.61 -4.84
N PRO A 144 -9.27 -4.40 -3.73
CA PRO A 144 -10.31 -5.33 -3.33
C PRO A 144 -11.48 -5.07 -4.28
N LEU A 145 -11.97 -6.10 -4.96
CA LEU A 145 -13.06 -6.03 -5.96
C LEU A 145 -14.41 -6.36 -5.33
N TYR A 146 -14.44 -7.37 -4.47
CA TYR A 146 -15.60 -7.74 -3.62
C TYR A 146 -16.11 -6.53 -2.84
N THR A 147 -17.43 -6.51 -2.60
CA THR A 147 -18.12 -5.76 -1.51
C THR A 147 -18.44 -6.74 -0.37
N LEU A 148 -18.15 -6.34 0.86
CA LEU A 148 -18.27 -7.24 2.03
C LEU A 148 -19.75 -7.29 2.44
N ARG A 149 -20.13 -8.30 3.22
CA ARG A 149 -21.53 -8.51 3.69
C ARG A 149 -22.11 -7.18 4.17
N ASP A 150 -21.35 -6.38 4.94
CA ASP A 150 -21.86 -5.12 5.54
C ASP A 150 -22.23 -4.13 4.43
N GLY A 151 -21.82 -4.44 3.19
CA GLY A 151 -22.19 -3.72 1.97
C GLY A 151 -21.28 -2.54 1.69
N VAL A 152 -20.22 -2.34 2.50
CA VAL A 152 -19.37 -1.12 2.44
C VAL A 152 -17.86 -1.49 2.49
N GLY A 153 -17.44 -2.36 3.42
CA GLY A 153 -16.05 -2.87 3.41
C GLY A 153 -15.74 -3.47 2.05
N GLY A 154 -14.55 -3.22 1.50
CA GLY A 154 -14.10 -3.76 0.21
C GLY A 154 -13.95 -2.66 -0.81
N LEU A 155 -14.39 -2.89 -2.05
CA LEU A 155 -14.29 -1.90 -3.16
C LEU A 155 -14.91 -0.56 -2.78
N PRO A 156 -16.15 -0.50 -2.27
CA PRO A 156 -16.81 0.79 -2.01
C PRO A 156 -15.94 1.70 -1.14
N THR A 157 -15.43 1.17 -0.04
CA THR A 157 -14.50 1.92 0.85
C THR A 157 -13.19 2.21 0.12
N PHE A 158 -12.70 1.28 -0.71
CA PHE A 158 -11.34 1.41 -1.29
C PHE A 158 -11.31 2.72 -2.08
N LEU A 159 -12.42 3.03 -2.75
CA LEU A 159 -12.62 4.26 -3.56
C LEU A 159 -12.74 5.53 -2.71
N GLU A 160 -13.12 5.43 -1.44
CA GLU A 160 -13.27 6.59 -0.53
C GLU A 160 -11.89 7.23 -0.32
N ASN A 161 -10.84 6.41 -0.41
CA ASN A 161 -9.43 6.84 -0.30
C ASN A 161 -9.18 7.98 -1.29
N SER A 162 -8.01 8.61 -1.19
CA SER A 162 -7.52 9.74 -2.02
C SER A 162 -6.77 9.22 -3.25
N PHE A 163 -7.07 9.76 -4.45
CA PHE A 163 -6.49 9.33 -5.75
C PHE A 163 -5.91 10.52 -6.53
N ILE A 164 -4.69 10.40 -7.09
CA ILE A 164 -4.06 11.43 -7.97
C ILE A 164 -4.77 11.50 -9.35
N GLY A 165 -5.12 12.71 -9.77
CA GLY A 165 -5.73 13.01 -11.09
C GLY A 165 -6.81 12.01 -11.40
N SER A 166 -6.75 11.40 -12.59
CA SER A 166 -7.84 10.59 -13.20
C SER A 166 -7.74 9.11 -12.80
N ALA A 167 -6.88 8.74 -11.85
CA ALA A 167 -6.55 7.34 -11.50
C ALA A 167 -7.80 6.55 -11.06
N ARG A 168 -8.73 7.20 -10.34
CA ARG A 168 -10.02 6.57 -9.91
C ARG A 168 -10.91 6.28 -11.13
N GLU A 169 -11.05 7.24 -12.05
CA GLU A 169 -11.75 7.04 -13.36
C GLU A 169 -11.08 5.85 -14.06
N GLN A 170 -9.81 5.99 -14.43
CA GLN A 170 -9.00 4.92 -15.09
C GLN A 170 -9.42 3.58 -14.47
N LEU A 171 -9.36 3.51 -13.15
CA LEU A 171 -9.62 2.23 -12.43
C LEU A 171 -11.04 1.78 -12.76
N LEU A 172 -12.03 2.64 -12.50
CA LEU A 172 -13.49 2.32 -12.64
C LEU A 172 -13.79 1.95 -14.10
N GLU A 173 -13.14 2.61 -15.06
CA GLU A 173 -13.30 2.29 -16.49
C GLU A 173 -12.74 0.88 -16.77
N ALA A 174 -11.66 0.49 -16.10
CA ALA A 174 -10.97 -0.81 -16.29
C ALA A 174 -11.83 -1.95 -15.73
N LEU A 175 -12.29 -1.80 -14.48
CA LEU A 175 -13.31 -2.66 -13.83
C LEU A 175 -14.55 -2.80 -14.72
N GLN A 176 -15.14 -1.68 -15.16
CA GLN A 176 -16.26 -1.65 -16.14
C GLN A 176 -15.84 -2.42 -17.41
N ASP A 177 -14.97 -1.82 -18.23
CA ASP A 177 -14.54 -2.39 -19.54
C ASP A 177 -14.60 -3.93 -19.48
N LEU A 178 -14.06 -4.54 -18.41
CA LEU A 178 -13.87 -6.02 -18.28
C LEU A 178 -14.84 -6.60 -17.24
N GLY A 179 -16.14 -6.38 -17.46
CA GLY A 179 -17.25 -6.86 -16.61
C GLY A 179 -17.54 -5.93 -15.45
N LEU A 180 -17.34 -6.43 -14.22
CA LEU A 180 -17.26 -5.64 -12.95
C LEU A 180 -17.77 -4.22 -13.18
N ARG B 20 -13.44 -8.93 24.47
CA ARG B 20 -12.36 -9.63 23.69
C ARG B 20 -11.36 -8.59 23.15
N HIS B 21 -10.06 -8.92 23.18
CA HIS B 21 -8.93 -7.97 23.02
C HIS B 21 -8.31 -8.07 21.62
N ALA B 22 -7.75 -6.96 21.13
CA ALA B 22 -7.06 -6.86 19.83
C ALA B 22 -5.75 -6.14 20.06
N CYS B 23 -4.76 -6.44 19.23
CA CYS B 23 -3.39 -5.86 19.34
C CYS B 23 -2.86 -5.58 17.95
N HIS B 24 -2.27 -4.39 17.80
CA HIS B 24 -1.70 -3.83 16.56
C HIS B 24 -0.44 -3.08 16.93
N ALA B 25 0.57 -3.16 16.08
CA ALA B 25 1.92 -2.60 16.28
C ALA B 25 2.19 -1.50 15.25
N LEU B 26 2.85 -0.42 15.67
CA LEU B 26 3.52 0.51 14.74
C LEU B 26 5.01 0.15 14.68
N LEU B 27 5.49 -0.30 13.53
CA LEU B 27 6.92 -0.60 13.27
C LEU B 27 7.54 0.59 12.54
N TYR B 28 8.74 1.04 12.92
CA TYR B 28 9.41 2.23 12.31
C TYR B 28 10.94 2.18 12.50
N ALA B 29 11.66 2.90 11.64
CA ALA B 29 13.14 2.88 11.52
C ALA B 29 13.65 4.29 11.25
N PRO B 30 14.81 4.68 11.84
CA PRO B 30 15.49 5.90 11.44
C PRO B 30 15.79 5.78 9.95
N ASP B 31 15.16 6.63 9.15
CA ASP B 31 15.36 6.69 7.68
C ASP B 31 16.17 7.95 7.39
N PRO B 32 17.44 7.80 6.93
CA PRO B 32 18.30 8.96 6.64
C PRO B 32 17.91 9.64 5.32
N GLY B 33 17.23 8.90 4.44
CA GLY B 33 16.84 9.32 3.09
C GLY B 33 16.26 10.72 3.03
N MET B 34 16.35 11.32 1.83
CA MET B 34 15.73 12.61 1.43
C MET B 34 14.89 12.35 0.17
N LEU B 35 13.57 12.58 0.24
CA LEU B 35 12.71 12.54 -0.97
C LEU B 35 13.10 13.70 -1.87
N PHE B 36 13.38 13.41 -3.14
CA PHE B 36 13.73 14.41 -4.18
C PHE B 36 15.09 15.05 -3.84
N GLY B 37 15.92 14.34 -3.06
CA GLY B 37 17.27 14.76 -2.64
C GLY B 37 17.30 15.95 -1.69
N ARG B 38 16.13 16.47 -1.26
CA ARG B 38 16.05 17.58 -0.28
C ARG B 38 15.15 17.20 0.91
N ILE B 39 13.93 16.70 0.69
CA ILE B 39 12.93 16.52 1.80
C ILE B 39 13.35 15.36 2.69
N PRO B 40 13.60 15.60 4.00
CA PRO B 40 14.05 14.54 4.90
C PRO B 40 12.89 13.61 5.30
N LEU B 41 13.08 12.29 5.20
CA LEU B 41 12.04 11.26 5.49
C LEU B 41 11.98 10.95 6.99
N ARG B 42 13.12 11.11 7.70
CA ARG B 42 13.21 11.03 9.18
C ARG B 42 13.07 9.56 9.61
N TYR B 43 11.85 9.00 9.54
CA TYR B 43 11.57 7.57 9.88
C TYR B 43 10.69 6.97 8.79
N ALA B 44 10.97 5.72 8.45
CA ALA B 44 10.11 4.85 7.63
C ALA B 44 9.07 4.25 8.58
N ILE B 45 7.77 4.43 8.28
CA ILE B 45 6.67 3.90 9.14
C ILE B 45 5.71 3.02 8.34
N LEU B 46 5.57 1.77 8.77
CA LEU B 46 4.72 0.77 8.11
C LEU B 46 3.28 0.88 8.66
N MET B 47 2.37 1.12 7.71
CA MET B 47 0.95 0.74 7.80
C MET B 47 0.68 -0.27 6.67
N GLN B 48 -0.55 -0.78 6.62
CA GLN B 48 -0.97 -1.73 5.57
C GLN B 48 -2.33 -1.31 5.00
N MET B 49 -2.60 -1.74 3.77
CA MET B 49 -3.92 -1.64 3.11
C MET B 49 -4.66 -2.93 3.44
N ARG B 50 -5.76 -2.81 4.17
CA ARG B 50 -6.53 -3.95 4.73
C ARG B 50 -7.48 -4.56 3.69
N PHE B 51 -8.00 -5.74 3.96
CA PHE B 51 -8.92 -6.47 3.03
C PHE B 51 -10.19 -5.65 2.82
N ASP B 52 -10.51 -4.71 3.73
CA ASP B 52 -11.78 -3.93 3.73
C ASP B 52 -11.60 -2.58 3.02
N GLY B 53 -10.39 -2.33 2.49
CA GLY B 53 -10.07 -1.11 1.71
C GLY B 53 -9.75 0.07 2.60
N ARG B 54 -9.44 -0.20 3.88
CA ARG B 54 -8.99 0.80 4.89
C ARG B 54 -7.51 0.63 5.20
N LEU B 55 -6.83 1.72 5.54
CA LEU B 55 -5.47 1.68 6.17
C LEU B 55 -5.60 1.30 7.65
N GLY B 56 -4.71 0.40 8.13
CA GLY B 56 -4.57 0.03 9.54
C GLY B 56 -3.16 -0.48 9.81
N PHE B 57 -2.90 -0.92 11.04
CA PHE B 57 -1.58 -1.45 11.49
C PHE B 57 -1.61 -2.98 11.59
N PRO B 58 -0.50 -3.69 11.25
CA PRO B 58 -0.45 -5.14 11.42
C PRO B 58 -0.74 -5.55 12.87
N GLY B 59 -1.50 -6.63 13.02
CA GLY B 59 -2.01 -7.15 14.31
C GLY B 59 -3.39 -7.76 14.13
N GLY B 60 -3.99 -8.24 15.22
CA GLY B 60 -5.35 -8.85 15.20
C GLY B 60 -5.81 -9.22 16.59
N PHE B 61 -6.86 -10.02 16.67
CA PHE B 61 -7.47 -10.48 17.93
C PHE B 61 -6.49 -11.42 18.66
N VAL B 62 -6.22 -11.13 19.93
CA VAL B 62 -5.59 -12.08 20.90
C VAL B 62 -6.69 -13.02 21.43
N ASP B 63 -6.37 -14.30 21.67
CA ASP B 63 -7.38 -15.26 22.23
C ASP B 63 -6.74 -16.15 23.31
N THR B 64 -7.58 -16.99 23.90
CA THR B 64 -7.41 -17.91 25.07
C THR B 64 -5.96 -18.35 25.30
N GLN B 65 -5.37 -19.12 24.37
CA GLN B 65 -4.05 -19.80 24.55
C GLN B 65 -2.90 -18.78 24.54
N ASP B 66 -3.03 -17.66 23.82
CA ASP B 66 -2.03 -16.56 23.87
C ASP B 66 -1.89 -16.16 25.33
N ARG B 67 -0.72 -16.41 25.92
CA ARG B 67 -0.47 -16.23 27.38
C ARG B 67 -0.53 -14.73 27.68
N SER B 68 0.06 -13.92 26.80
CA SER B 68 0.21 -12.44 26.95
C SER B 68 -0.52 -11.73 25.80
N LEU B 69 -0.83 -10.43 26.00
CA LEU B 69 -1.29 -9.56 24.88
C LEU B 69 -0.22 -9.63 23.79
N GLU B 70 1.05 -9.56 24.19
CA GLU B 70 2.26 -9.50 23.31
C GLU B 70 2.37 -10.79 22.49
N ASP B 71 1.80 -11.91 22.95
CA ASP B 71 1.87 -13.25 22.29
C ASP B 71 0.93 -13.29 21.07
N GLY B 72 -0.34 -12.95 21.26
CA GLY B 72 -1.31 -12.82 20.17
C GLY B 72 -0.88 -11.77 19.16
N LEU B 73 -0.28 -10.67 19.64
CA LEU B 73 0.26 -9.58 18.78
C LEU B 73 1.39 -10.17 17.91
N ASN B 74 2.53 -10.51 18.51
CA ASN B 74 3.67 -11.09 17.77
C ASN B 74 3.14 -12.23 16.89
N ARG B 75 2.16 -13.03 17.37
CA ARG B 75 1.62 -14.16 16.57
C ARG B 75 1.00 -13.61 15.28
N GLU B 76 0.17 -12.57 15.40
CA GLU B 76 -0.63 -11.94 14.31
C GLU B 76 0.28 -11.13 13.38
N LEU B 77 1.43 -10.66 13.88
CA LEU B 77 2.52 -10.05 13.08
C LEU B 77 3.22 -11.11 12.21
N ARG B 78 3.42 -12.32 12.74
CA ARG B 78 3.98 -13.47 12.00
C ARG B 78 3.08 -13.79 10.79
N GLU B 79 1.76 -13.88 11.03
CA GLU B 79 0.70 -14.21 10.04
C GLU B 79 0.65 -13.14 8.95
N GLU B 80 0.85 -11.88 9.32
CA GLU B 80 0.51 -10.72 8.46
C GLU B 80 1.77 -10.15 7.82
N LEU B 81 2.92 -10.15 8.51
CA LEU B 81 4.20 -9.55 8.00
C LEU B 81 5.21 -10.62 7.53
N GLY B 82 4.90 -11.91 7.66
CA GLY B 82 5.75 -13.01 7.21
C GLY B 82 6.85 -13.34 8.22
N GLU B 83 7.77 -14.24 7.87
CA GLU B 83 8.82 -14.77 8.79
C GLU B 83 10.01 -13.82 8.83
N ALA B 84 9.74 -12.50 8.76
CA ALA B 84 10.70 -11.41 9.02
C ALA B 84 10.47 -10.86 10.44
N ALA B 85 9.22 -10.89 10.93
CA ALA B 85 8.80 -10.44 12.28
C ALA B 85 9.18 -11.50 13.33
N ALA B 86 9.67 -12.66 12.88
CA ALA B 86 10.33 -13.70 13.71
C ALA B 86 11.82 -13.36 13.89
N ALA B 87 12.19 -12.08 13.77
CA ALA B 87 13.56 -11.55 14.01
C ALA B 87 13.53 -10.65 15.25
N PHE B 88 12.56 -9.74 15.34
CA PHE B 88 12.29 -8.89 16.53
C PHE B 88 11.04 -9.39 17.25
N ARG B 89 10.79 -8.89 18.47
CA ARG B 89 9.60 -9.23 19.29
C ARG B 89 9.08 -7.96 19.99
N VAL B 90 7.78 -7.66 19.86
CA VAL B 90 7.13 -6.54 20.63
C VAL B 90 6.83 -7.07 22.04
N GLU B 91 7.17 -6.29 23.08
CA GLU B 91 6.88 -6.59 24.51
C GLU B 91 6.23 -5.36 25.19
N ARG B 92 5.78 -5.51 26.44
CA ARG B 92 4.97 -4.50 27.21
C ARG B 92 5.65 -3.12 27.18
N THR B 93 6.99 -3.07 27.21
CA THR B 93 7.81 -1.82 27.12
C THR B 93 7.41 -0.97 25.90
N ASP B 94 6.87 -1.60 24.84
CA ASP B 94 6.50 -0.96 23.55
C ASP B 94 5.06 -0.40 23.62
N TYR B 95 4.28 -0.77 24.64
CA TYR B 95 2.86 -0.37 24.80
C TYR B 95 2.71 1.14 24.65
N ARG B 96 1.54 1.57 24.18
CA ARG B 96 1.23 2.99 23.86
C ARG B 96 -0.19 3.32 24.34
N SER B 97 -1.21 2.62 23.84
CA SER B 97 -2.62 2.91 24.20
C SER B 97 -3.51 1.66 24.13
N SER B 98 -4.63 1.75 24.85
CA SER B 98 -5.83 0.89 24.76
C SER B 98 -7.04 1.78 24.45
N HIS B 99 -7.56 1.77 23.23
CA HIS B 99 -8.85 2.40 22.84
C HIS B 99 -9.92 1.30 22.72
N VAL B 100 -10.99 1.39 23.50
CA VAL B 100 -12.18 0.51 23.30
C VAL B 100 -13.01 1.07 22.14
N GLY B 101 -13.55 0.17 21.30
CA GLY B 101 -14.62 0.42 20.31
C GLY B 101 -15.96 -0.03 20.87
N SER B 102 -16.80 0.93 21.28
CA SER B 102 -18.07 0.72 22.02
C SER B 102 -18.91 -0.37 21.35
N GLY B 103 -19.34 -0.14 20.10
CA GLY B 103 -20.20 -1.05 19.31
C GLY B 103 -19.70 -2.50 19.36
N PRO B 104 -18.54 -2.82 18.74
CA PRO B 104 -17.98 -4.18 18.80
C PRO B 104 -17.60 -4.70 20.20
N ARG B 105 -17.64 -3.84 21.24
CA ARG B 105 -17.38 -4.20 22.66
C ARG B 105 -15.88 -4.45 22.89
N VAL B 106 -15.07 -4.55 21.82
CA VAL B 106 -13.66 -5.04 21.84
C VAL B 106 -12.72 -3.94 22.33
N VAL B 107 -11.65 -4.31 23.07
CA VAL B 107 -10.58 -3.37 23.54
C VAL B 107 -9.36 -3.54 22.62
N ALA B 108 -9.02 -2.48 21.88
CA ALA B 108 -7.90 -2.43 20.91
C ALA B 108 -6.68 -1.82 21.61
N HIS B 109 -5.56 -2.54 21.63
CA HIS B 109 -4.28 -2.18 22.30
C HIS B 109 -3.24 -1.79 21.23
N PHE B 110 -2.40 -0.79 21.50
CA PHE B 110 -1.39 -0.30 20.52
C PHE B 110 0.02 -0.27 21.10
N TYR B 111 1.00 -0.62 20.24
CA TYR B 111 2.46 -0.69 20.53
C TYR B 111 3.24 0.10 19.47
N ALA B 112 4.50 0.44 19.78
CA ALA B 112 5.48 0.99 18.81
C ALA B 112 6.87 0.35 19.00
N LYS B 113 7.30 -0.39 17.97
CA LYS B 113 8.54 -1.21 17.94
C LYS B 113 9.57 -0.53 17.05
N ARG B 114 10.75 -0.22 17.62
CA ARG B 114 11.89 0.43 16.92
C ARG B 114 12.80 -0.66 16.35
N LEU B 115 13.04 -0.60 15.04
CA LEU B 115 13.86 -1.56 14.23
C LEU B 115 14.96 -0.77 13.54
N THR B 116 15.80 -1.44 12.77
CA THR B 116 16.81 -0.79 11.89
C THR B 116 16.19 -0.68 10.49
N LEU B 117 16.53 0.35 9.72
CA LEU B 117 16.00 0.42 8.34
C LEU B 117 16.16 -0.94 7.65
N GLU B 118 17.22 -1.67 7.97
CA GLU B 118 17.56 -2.99 7.35
C GLU B 118 16.57 -4.06 7.84
N GLU B 119 16.16 -3.99 9.12
CA GLU B 119 15.13 -4.89 9.71
C GLU B 119 13.79 -4.65 9.01
N LEU B 120 13.48 -3.39 8.71
CA LEU B 120 12.19 -2.95 8.11
C LEU B 120 12.14 -3.32 6.62
N LEU B 121 13.12 -2.88 5.84
CA LEU B 121 13.24 -3.27 4.42
C LEU B 121 12.95 -4.76 4.33
N ALA B 122 13.43 -5.53 5.29
CA ALA B 122 13.43 -7.02 5.32
C ALA B 122 12.04 -7.54 5.67
N VAL B 123 11.23 -6.75 6.37
CA VAL B 123 9.78 -7.04 6.59
C VAL B 123 9.01 -6.76 5.31
N GLU B 124 9.09 -5.52 4.81
CA GLU B 124 8.51 -5.11 3.50
C GLU B 124 8.77 -6.21 2.45
N ALA B 125 10.05 -6.50 2.18
CA ALA B 125 10.50 -7.48 1.17
C ALA B 125 9.90 -8.87 1.42
N GLY B 126 9.63 -9.24 2.67
CA GLY B 126 9.24 -10.62 3.04
C GLY B 126 7.74 -10.80 3.13
N ALA B 127 7.00 -9.69 3.31
CA ALA B 127 5.55 -9.61 3.64
C ALA B 127 4.68 -10.16 2.51
N THR B 128 5.26 -10.45 1.36
CA THR B 128 4.52 -10.88 0.14
C THR B 128 4.44 -12.41 0.14
N ARG B 129 5.28 -13.06 0.96
CA ARG B 129 5.27 -14.52 1.28
C ARG B 129 4.64 -14.79 2.65
N ALA B 130 3.92 -13.82 3.22
CA ALA B 130 3.22 -13.95 4.52
C ALA B 130 1.88 -14.65 4.28
N LYS B 131 1.28 -15.23 5.32
CA LYS B 131 0.03 -16.04 5.21
C LYS B 131 -1.09 -15.20 4.61
N ASP B 132 -1.12 -13.90 4.95
CA ASP B 132 -2.28 -13.00 4.69
C ASP B 132 -2.05 -12.11 3.46
N HIS B 133 -0.94 -12.25 2.73
CA HIS B 133 -0.71 -11.44 1.51
C HIS B 133 -1.70 -11.80 0.42
N GLY B 134 -2.45 -10.81 -0.03
CA GLY B 134 -3.49 -10.96 -1.08
C GLY B 134 -4.77 -11.48 -0.49
N LEU B 135 -4.94 -11.40 0.84
CA LEU B 135 -6.16 -11.84 1.55
C LEU B 135 -6.50 -10.77 2.59
N GLU B 136 -6.12 -10.98 3.85
CA GLU B 136 -6.33 -9.96 4.92
C GLU B 136 -5.49 -8.73 4.55
N VAL B 137 -4.24 -8.93 4.09
CA VAL B 137 -3.28 -7.84 3.78
C VAL B 137 -3.14 -7.65 2.26
N LEU B 138 -3.57 -6.49 1.76
CA LEU B 138 -3.61 -6.15 0.32
C LEU B 138 -2.28 -5.51 -0.11
N GLY B 139 -1.44 -5.11 0.86
CA GLY B 139 -0.19 -4.37 0.63
C GLY B 139 0.25 -3.61 1.87
N LEU B 140 1.54 -3.25 1.95
CA LEU B 140 2.12 -2.41 3.02
C LEU B 140 2.43 -1.05 2.42
N VAL B 141 2.22 0.02 3.18
CA VAL B 141 2.59 1.41 2.78
C VAL B 141 3.44 2.00 3.90
N ARG B 142 4.48 2.74 3.52
CA ARG B 142 5.21 3.70 4.36
C ARG B 142 4.36 4.97 4.49
N VAL B 143 4.18 5.48 5.70
CA VAL B 143 3.48 6.77 5.96
C VAL B 143 4.41 7.87 5.49
N PRO B 144 3.91 8.92 4.81
CA PRO B 144 4.71 10.11 4.51
C PRO B 144 4.60 11.11 5.66
N LEU B 145 5.70 11.31 6.41
CA LEU B 145 5.80 12.17 7.62
C LEU B 145 6.05 13.65 7.25
N TYR B 146 6.38 13.91 5.98
CA TYR B 146 6.64 15.25 5.40
C TYR B 146 5.35 15.87 4.82
N THR B 147 5.49 17.10 4.34
CA THR B 147 4.44 17.95 3.74
C THR B 147 5.06 18.70 2.55
N LEU B 148 4.39 18.72 1.41
CA LEU B 148 4.89 19.36 0.15
C LEU B 148 4.60 20.85 0.22
N ARG B 149 5.05 21.59 -0.80
CA ARG B 149 5.00 23.08 -0.85
C ARG B 149 3.55 23.58 -0.96
N ASP B 150 2.65 22.82 -1.60
CA ASP B 150 1.18 23.10 -1.60
C ASP B 150 0.58 22.90 -0.20
N GLY B 151 1.41 22.49 0.77
CA GLY B 151 1.03 22.22 2.17
C GLY B 151 -0.13 21.25 2.29
N VAL B 152 -0.37 20.41 1.27
CA VAL B 152 -1.49 19.42 1.28
C VAL B 152 -0.95 18.05 0.85
N GLY B 153 -0.09 18.01 -0.17
CA GLY B 153 0.66 16.80 -0.52
C GLY B 153 1.43 16.26 0.68
N GLY B 154 1.46 14.93 0.83
CA GLY B 154 2.09 14.20 1.95
C GLY B 154 1.08 13.78 3.01
N LEU B 155 1.45 13.95 4.29
CA LEU B 155 0.67 13.56 5.50
C LEU B 155 -0.74 14.16 5.44
N PRO B 156 -0.91 15.48 5.21
CA PRO B 156 -2.27 16.06 5.25
C PRO B 156 -3.24 15.31 4.31
N THR B 157 -2.77 15.06 3.09
CA THR B 157 -3.43 14.20 2.06
C THR B 157 -3.58 12.75 2.55
N PHE B 158 -2.53 12.13 3.13
CA PHE B 158 -2.52 10.71 3.58
C PHE B 158 -3.69 10.44 4.52
N LEU B 159 -3.90 11.36 5.47
CA LEU B 159 -4.87 11.22 6.60
C LEU B 159 -6.31 11.31 6.05
N GLU B 160 -6.50 11.78 4.81
CA GLU B 160 -7.81 11.78 4.09
C GLU B 160 -8.27 10.34 3.80
N ASN B 161 -7.32 9.41 3.69
CA ASN B 161 -7.59 8.00 3.33
C ASN B 161 -8.53 7.39 4.38
N SER B 162 -9.27 6.34 4.02
CA SER B 162 -10.03 5.48 4.95
C SER B 162 -9.07 4.78 5.94
N PHE B 163 -9.42 4.71 7.24
CA PHE B 163 -8.69 3.89 8.26
C PHE B 163 -9.68 3.07 9.10
N ILE B 164 -9.24 1.93 9.67
CA ILE B 164 -10.15 1.00 10.44
C ILE B 164 -10.20 1.42 11.91
N GLY B 165 -11.38 1.44 12.52
CA GLY B 165 -11.53 1.85 13.93
C GLY B 165 -10.58 3.00 14.26
N SER B 166 -9.84 2.90 15.37
CA SER B 166 -9.08 4.03 15.96
C SER B 166 -7.67 4.11 15.35
N ALA B 167 -7.48 3.64 14.11
CA ALA B 167 -6.18 3.51 13.42
C ALA B 167 -5.48 4.86 13.27
N ARG B 168 -6.22 5.89 12.85
CA ARG B 168 -5.67 7.23 12.55
C ARG B 168 -5.21 7.88 13.86
N GLU B 169 -6.07 7.82 14.90
CA GLU B 169 -5.79 8.40 16.25
C GLU B 169 -4.48 7.81 16.76
N GLN B 170 -4.34 6.50 16.63
CA GLN B 170 -3.15 5.73 17.07
C GLN B 170 -1.92 6.31 16.37
N LEU B 171 -1.99 6.45 15.04
CA LEU B 171 -0.92 7.06 14.20
C LEU B 171 -0.63 8.46 14.72
N LEU B 172 -1.66 9.29 14.76
CA LEU B 172 -1.53 10.72 15.08
C LEU B 172 -0.96 10.91 16.49
N GLU B 173 -1.19 9.97 17.41
CA GLU B 173 -0.68 10.04 18.80
C GLU B 173 0.78 9.59 18.88
N ALA B 174 1.19 8.55 18.15
CA ALA B 174 2.58 8.04 18.12
C ALA B 174 3.49 9.11 17.50
N LEU B 175 3.04 9.73 16.41
CA LEU B 175 3.83 10.77 15.70
C LEU B 175 4.23 11.85 16.70
N GLN B 176 3.27 12.45 17.40
CA GLN B 176 3.59 13.50 18.40
C GLN B 176 4.55 12.88 19.44
N ASP B 177 4.23 11.70 20.00
CA ASP B 177 5.03 11.06 21.09
C ASP B 177 6.44 10.66 20.61
N LEU B 178 6.74 10.76 19.32
CA LEU B 178 8.12 10.63 18.75
C LEU B 178 8.04 10.42 17.23
N GLY B 179 8.52 11.39 16.44
CA GLY B 179 8.54 11.28 14.96
C GLY B 179 8.18 12.58 14.26
N LEU B 180 7.89 13.64 15.03
CA LEU B 180 7.44 14.95 14.47
C LEU B 180 7.48 16.01 15.57
#